data_1NMY
#
_entry.id   1NMY
#
_cell.length_a   101.258
_cell.length_b   101.258
_cell.length_c   49.781
_cell.angle_alpha   90.00
_cell.angle_beta   90.00
_cell.angle_gamma   90.00
#
_symmetry.space_group_name_H-M   'P 43 21 2'
#
loop_
_entity.id
_entity.type
_entity.pdbx_description
1 polymer 'similar to THYMIDYLATE KINASE (DTMP KINASE)'
2 non-polymer 'MAGNESIUM ION'
3 non-polymer "3'-FLUORO-3'-DEOXYTHYMIDINE MONOPHOSPHATE"
4 non-polymer "ADENOSINE-5'-DIPHOSPHATE"
5 non-polymer 'PHOSPHOAMINOPHOSPHONIC ACID-ADENYLATE ESTER'
6 water water
#
_entity_poly.entity_id   1
_entity_poly.type   'polypeptide(L)'
_entity_poly.pdbx_seq_one_letter_code
;RRGALIVLEGVDRAGKSTQSRKLVEALCAAGHRAELLRFPERSTEIGKLLSSYLQKKSDVEDHSVHLLFSANRWEQVPLI
KEKLSQGVTLVVDRYAFSGVAFTGAKENFSLDWCKQPDVGLPKPDLVLFLQLQLADAAKRGAFGHERYENGAFQERALRC
FHQLMKDTTLNWKMVDASKSIEAVHEDIRVLSEDAIATATEKPLGELWK
;
_entity_poly.pdbx_strand_id   A
#
loop_
_chem_comp.id
_chem_comp.type
_chem_comp.name
_chem_comp.formula
ADP non-polymer ADENOSINE-5'-DIPHOSPHATE 'C10 H15 N5 O10 P2'
ANP non-polymer 'PHOSPHOAMINOPHOSPHONIC ACID-ADENYLATE ESTER' 'C10 H17 N6 O12 P3'
FDM non-polymer '3'-FLUORO-3'-DEOXYTHYMIDINE MONOPHOSPHATE' 'C10 H14 F N2 O7 P'
MG non-polymer 'MAGNESIUM ION' 'Mg 2'
#
# COMPACT_ATOMS: atom_id res chain seq x y z
N ARG A 1 24.54 3.96 -1.04
CA ARG A 1 23.39 4.94 -1.13
C ARG A 1 22.12 4.10 -1.30
N ARG A 2 21.41 3.94 -0.19
CA ARG A 2 20.25 3.04 -0.29
C ARG A 2 19.14 3.59 -1.17
N GLY A 3 18.29 2.64 -1.58
CA GLY A 3 17.07 2.99 -2.32
C GLY A 3 16.01 3.48 -1.33
N ALA A 4 14.95 4.06 -1.87
CA ALA A 4 13.82 4.49 -1.06
C ALA A 4 12.70 3.43 -1.09
N LEU A 5 11.98 3.41 0.02
CA LEU A 5 10.80 2.49 0.09
C LEU A 5 9.57 3.36 -0.06
N ILE A 6 8.91 3.28 -1.21
CA ILE A 6 7.74 4.10 -1.52
C ILE A 6 6.47 3.26 -1.57
N VAL A 7 5.47 3.63 -0.76
CA VAL A 7 4.22 2.89 -0.76
C VAL A 7 3.07 3.71 -1.33
N LEU A 8 2.24 3.05 -2.13
CA LEU A 8 1.01 3.69 -2.62
C LEU A 8 -0.17 3.03 -1.92
N GLU A 9 -1.01 3.85 -1.29
CA GLU A 9 -2.24 3.44 -0.65
C GLU A 9 -3.38 4.30 -1.23
N GLY A 10 -4.66 3.96 -1.02
N GLY A 10 -4.58 3.85 -0.86
CA GLY A 10 -5.63 4.88 -1.65
CA GLY A 10 -5.78 4.53 -1.29
C GLY A 10 -6.99 4.24 -1.79
C GLY A 10 -6.96 3.55 -1.35
N VAL A 11 -7.97 5.10 -2.09
N VAL A 11 -8.12 4.13 -1.61
CA VAL A 11 -9.33 4.53 -2.17
CA VAL A 11 -9.39 3.46 -1.78
C VAL A 11 -9.50 3.60 -3.35
C VAL A 11 -9.35 2.47 -2.95
N ASP A 12 -10.60 2.82 -3.31
N ASP A 12 -10.24 1.48 -2.93
CA ASP A 12 -10.81 1.81 -4.35
CA ASP A 12 -10.32 0.57 -4.08
C ASP A 12 -10.84 2.44 -5.74
C ASP A 12 -10.61 1.40 -5.32
N ARG A 13 -10.11 1.80 -6.65
N ARG A 13 -9.82 1.33 -6.38
CA ARG A 13 -10.03 2.27 -8.01
CA ARG A 13 -10.08 2.09 -7.59
C ARG A 13 -9.39 3.66 -8.08
C ARG A 13 -9.42 3.42 -7.87
N ALA A 14 -8.69 4.03 -6.98
CA ALA A 14 -8.04 5.33 -7.08
C ALA A 14 -6.88 5.34 -8.08
N GLY A 15 -6.36 4.15 -8.38
CA GLY A 15 -5.25 4.07 -9.32
C GLY A 15 -3.93 3.60 -8.72
N LYS A 16 -3.96 2.92 -7.58
CA LYS A 16 -2.74 2.42 -6.96
C LYS A 16 -1.93 1.56 -7.93
N SER A 17 -2.60 0.57 -8.54
CA SER A 17 -1.83 -0.34 -9.40
C SER A 17 -1.34 0.35 -10.67
N THR A 18 -2.20 1.13 -11.30
CA THR A 18 -1.76 1.86 -12.50
C THR A 18 -0.57 2.79 -12.19
N GLN A 19 -0.71 3.56 -11.12
CA GLN A 19 0.37 4.50 -10.77
C GLN A 19 1.62 3.82 -10.28
N SER A 20 1.51 2.65 -9.62
CA SER A 20 2.74 1.97 -9.19
C SER A 20 3.52 1.49 -10.42
N ARG A 21 2.83 0.90 -11.39
CA ARG A 21 3.47 0.44 -12.61
C ARG A 21 4.10 1.62 -13.36
N LYS A 22 3.33 2.68 -13.53
CA LYS A 22 3.86 3.85 -14.24
C LYS A 22 5.06 4.48 -13.53
N LEU A 23 5.03 4.47 -12.19
CA LEU A 23 6.14 5.08 -11.45
C LEU A 23 7.42 4.30 -11.66
N VAL A 24 7.36 2.97 -11.55
CA VAL A 24 8.61 2.19 -11.73
C VAL A 24 9.14 2.40 -13.13
N GLU A 25 8.24 2.41 -14.14
CA GLU A 25 8.69 2.62 -15.52
C GLU A 25 9.39 3.96 -15.67
N ALA A 26 8.81 5.01 -15.11
CA ALA A 26 9.40 6.35 -15.25
C ALA A 26 10.73 6.45 -14.51
N LEU A 27 10.78 5.90 -13.32
CA LEU A 27 12.02 5.99 -12.55
C LEU A 27 13.16 5.28 -13.29
N CYS A 28 12.88 4.09 -13.82
CA CYS A 28 13.91 3.34 -14.56
C CYS A 28 14.32 4.09 -15.83
N ALA A 29 13.37 4.75 -16.49
CA ALA A 29 13.71 5.49 -17.70
C ALA A 29 14.55 6.72 -17.38
N ALA A 30 14.51 7.19 -16.14
CA ALA A 30 15.29 8.34 -15.69
C ALA A 30 16.58 7.90 -14.99
N GLY A 31 16.99 6.66 -15.20
CA GLY A 31 18.27 6.19 -14.69
C GLY A 31 18.29 5.63 -13.29
N HIS A 32 17.13 5.57 -12.61
CA HIS A 32 17.15 4.95 -11.29
C HIS A 32 17.02 3.43 -11.42
N ARG A 33 17.43 2.73 -10.38
CA ARG A 33 17.15 1.30 -10.26
C ARG A 33 15.88 1.23 -9.37
N ALA A 34 14.78 0.78 -9.97
CA ALA A 34 13.55 0.74 -9.17
C ALA A 34 12.81 -0.53 -9.57
N GLU A 35 12.11 -1.13 -8.60
CA GLU A 35 11.35 -2.34 -8.83
C GLU A 35 9.99 -2.25 -8.12
N LEU A 36 9.02 -2.97 -8.68
CA LEU A 36 7.67 -3.01 -8.16
C LEU A 36 7.38 -4.22 -7.28
N LEU A 37 6.68 -3.94 -6.18
CA LEU A 37 6.16 -4.98 -5.28
C LEU A 37 4.68 -4.70 -5.05
N ARG A 38 3.95 -5.70 -4.57
CA ARG A 38 2.55 -5.46 -4.22
C ARG A 38 2.17 -6.37 -3.06
N PHE A 39 1.16 -5.93 -2.32
CA PHE A 39 0.65 -6.80 -1.25
C PHE A 39 -0.86 -6.84 -1.38
N PRO A 40 -1.47 -7.99 -1.22
CA PRO A 40 -0.80 -9.23 -0.94
C PRO A 40 0.03 -9.72 -2.12
N GLU A 41 1.08 -10.44 -1.77
CA GLU A 41 1.94 -11.08 -2.78
C GLU A 41 1.36 -12.48 -2.89
N ARG A 42 0.58 -12.71 -3.95
CA ARG A 42 -0.17 -13.96 -4.00
C ARG A 42 0.59 -15.18 -4.47
N SER A 43 1.87 -15.05 -4.78
CA SER A 43 2.61 -16.19 -5.30
C SER A 43 3.13 -17.15 -4.24
N THR A 44 3.21 -16.71 -2.98
CA THR A 44 3.79 -17.58 -1.96
C THR A 44 2.72 -18.52 -1.39
N GLU A 45 3.10 -19.46 -0.53
CA GLU A 45 2.11 -20.37 0.04
C GLU A 45 1.04 -19.56 0.80
N ILE A 46 1.52 -18.60 1.58
CA ILE A 46 0.57 -17.73 2.30
C ILE A 46 -0.26 -16.91 1.33
N GLY A 47 0.42 -16.40 0.30
CA GLY A 47 -0.27 -15.57 -0.71
C GLY A 47 -1.38 -16.37 -1.39
N LYS A 48 -1.17 -17.66 -1.64
CA LYS A 48 -2.26 -18.46 -2.23
C LYS A 48 -3.44 -18.57 -1.30
N LEU A 49 -3.22 -18.72 0.01
CA LEU A 49 -4.31 -18.78 0.97
C LEU A 49 -5.08 -17.45 0.96
N LEU A 50 -4.36 -16.34 0.87
CA LEU A 50 -4.99 -15.02 0.82
C LEU A 50 -5.78 -14.80 -0.47
N SER A 51 -5.21 -15.28 -1.58
CA SER A 51 -5.91 -15.12 -2.86
C SER A 51 -7.22 -15.91 -2.86
N SER A 52 -7.17 -17.14 -2.35
CA SER A 52 -8.41 -17.93 -2.27
C SER A 52 -9.44 -17.24 -1.41
N TYR A 53 -9.03 -16.66 -0.27
CA TYR A 53 -9.94 -15.94 0.61
C TYR A 53 -10.61 -14.76 -0.08
N LEU A 54 -9.78 -13.94 -0.73
CA LEU A 54 -10.26 -12.74 -1.39
C LEU A 54 -11.24 -13.09 -2.52
N GLN A 55 -11.00 -14.24 -3.15
CA GLN A 55 -11.88 -14.67 -4.23
C GLN A 55 -13.16 -15.34 -3.74
N LYS A 56 -13.30 -15.51 -2.44
CA LYS A 56 -14.45 -16.17 -1.83
C LYS A 56 -14.45 -17.67 -2.12
N LYS A 57 -13.32 -18.23 -2.49
CA LYS A 57 -13.22 -19.67 -2.74
C LYS A 57 -13.00 -20.40 -1.42
N SER A 58 -12.66 -19.63 -0.40
CA SER A 58 -12.49 -20.18 0.94
C SER A 58 -12.87 -19.10 1.95
N ASP A 59 -13.21 -19.55 3.15
CA ASP A 59 -13.51 -18.66 4.25
C ASP A 59 -12.36 -18.87 5.26
N VAL A 60 -11.97 -17.79 5.89
CA VAL A 60 -10.89 -17.78 6.86
C VAL A 60 -11.31 -16.93 8.04
N GLU A 61 -11.07 -17.40 9.26
CA GLU A 61 -11.39 -16.66 10.47
C GLU A 61 -10.75 -15.28 10.46
N ASP A 62 -11.44 -14.22 10.88
CA ASP A 62 -10.97 -12.86 10.67
C ASP A 62 -9.62 -12.50 11.26
N HIS A 63 -9.30 -13.01 12.43
CA HIS A 63 -8.02 -12.76 13.06
C HIS A 63 -6.93 -13.52 12.31
N SER A 64 -7.20 -14.80 12.00
CA SER A 64 -6.21 -15.59 11.25
C SER A 64 -5.89 -14.93 9.92
N VAL A 65 -6.87 -14.42 9.18
CA VAL A 65 -6.55 -13.84 7.88
C VAL A 65 -5.77 -12.54 8.03
N HIS A 66 -6.05 -11.78 9.10
CA HIS A 66 -5.31 -10.55 9.38
C HIS A 66 -3.83 -10.86 9.58
N LEU A 67 -3.57 -11.95 10.32
CA LEU A 67 -2.18 -12.35 10.60
C LEU A 67 -1.51 -12.93 9.37
N LEU A 68 -2.27 -13.61 8.50
CA LEU A 68 -1.68 -14.07 7.23
C LEU A 68 -1.27 -12.88 6.36
N PHE A 69 -2.12 -11.86 6.29
CA PHE A 69 -1.75 -10.66 5.51
C PHE A 69 -0.47 -10.02 6.02
N SER A 70 -0.28 -9.98 7.35
CA SER A 70 0.97 -9.44 7.92
C SER A 70 2.14 -10.39 7.67
N ALA A 71 1.95 -11.70 7.86
CA ALA A 71 3.01 -12.66 7.58
C ALA A 71 3.46 -12.57 6.13
N ASN A 72 2.53 -12.26 5.23
CA ASN A 72 2.85 -12.13 3.80
C ASN A 72 3.76 -10.95 3.55
N ARG A 73 3.72 -9.93 4.40
CA ARG A 73 4.70 -8.84 4.29
C ARG A 73 6.04 -9.27 4.90
N TRP A 74 6.02 -9.85 6.10
CA TRP A 74 7.26 -10.27 6.75
C TRP A 74 8.08 -11.23 5.90
N GLU A 75 7.44 -12.15 5.16
CA GLU A 75 8.21 -13.10 4.35
C GLU A 75 8.97 -12.39 3.26
N GLN A 76 8.58 -11.14 2.91
CA GLN A 76 9.34 -10.40 1.91
C GLN A 76 10.34 -9.43 2.50
N VAL A 77 10.44 -9.33 3.84
CA VAL A 77 11.35 -8.37 4.46
C VAL A 77 12.80 -8.62 4.14
N PRO A 78 13.30 -9.82 4.12
CA PRO A 78 14.70 -10.06 3.73
C PRO A 78 14.97 -9.52 2.34
N LEU A 79 14.06 -9.74 1.40
CA LEU A 79 14.23 -9.24 0.02
C LEU A 79 14.17 -7.72 0.00
N ILE A 80 13.21 -7.14 0.73
CA ILE A 80 13.10 -5.68 0.76
C ILE A 80 14.36 -5.02 1.27
N LYS A 81 14.87 -5.52 2.41
CA LYS A 81 16.09 -4.90 2.96
C LYS A 81 17.28 -5.13 2.04
N GLU A 82 17.38 -6.29 1.40
CA GLU A 82 18.51 -6.53 0.50
C GLU A 82 18.46 -5.54 -0.67
N LYS A 83 17.27 -5.43 -1.27
CA LYS A 83 17.17 -4.53 -2.42
C LYS A 83 17.45 -3.08 -2.04
N LEU A 84 16.85 -2.57 -0.96
CA LEU A 84 17.11 -1.18 -0.58
C LEU A 84 18.60 -0.99 -0.31
N SER A 85 19.21 -1.97 0.36
CA SER A 85 20.65 -1.80 0.68
C SER A 85 21.51 -1.79 -0.57
N GLN A 86 21.06 -2.37 -1.67
CA GLN A 86 21.80 -2.42 -2.92
C GLN A 86 21.56 -1.17 -3.78
N GLY A 87 20.74 -0.25 -3.27
CA GLY A 87 20.44 0.97 -4.00
C GLY A 87 19.18 0.91 -4.84
N VAL A 88 18.38 -0.16 -4.69
CA VAL A 88 17.17 -0.26 -5.51
C VAL A 88 15.98 0.37 -4.77
N THR A 89 15.29 1.30 -5.42
CA THR A 89 14.09 1.91 -4.87
C THR A 89 12.94 0.94 -5.10
N LEU A 90 12.09 0.74 -4.10
CA LEU A 90 10.97 -0.18 -4.22
C LEU A 90 9.68 0.63 -4.14
N VAL A 91 8.83 0.38 -5.14
CA VAL A 91 7.52 0.99 -5.23
C VAL A 91 6.51 -0.11 -4.90
N VAL A 92 5.74 0.11 -3.83
CA VAL A 92 4.89 -0.97 -3.27
C VAL A 92 3.40 -0.60 -3.33
N ASP A 93 2.65 -1.44 -4.03
CA ASP A 93 1.20 -1.29 -4.21
C ASP A 93 0.50 -1.96 -3.04
N ARG A 94 0.12 -1.14 -2.06
CA ARG A 94 -0.45 -1.49 -0.78
C ARG A 94 0.61 -2.01 0.22
N TYR A 95 0.37 -1.71 1.49
CA TYR A 95 1.32 -2.22 2.51
C TYR A 95 0.56 -2.45 3.81
N ALA A 96 1.21 -2.21 4.95
CA ALA A 96 0.56 -2.46 6.24
C ALA A 96 -0.67 -1.59 6.47
N PHE A 97 -0.71 -0.41 5.82
CA PHE A 97 -1.84 0.49 6.06
C PHE A 97 -3.11 -0.16 5.57
N SER A 98 -3.09 -0.77 4.38
CA SER A 98 -4.27 -1.51 3.92
C SER A 98 -4.59 -2.67 4.90
N GLY A 99 -3.55 -3.29 5.41
CA GLY A 99 -3.73 -4.41 6.37
C GLY A 99 -4.56 -3.92 7.55
N VAL A 100 -4.22 -2.78 8.13
CA VAL A 100 -4.94 -2.26 9.29
C VAL A 100 -6.31 -1.73 8.92
N ALA A 101 -6.39 -0.99 7.79
CA ALA A 101 -7.66 -0.38 7.42
C ALA A 101 -8.74 -1.39 7.08
N PHE A 102 -8.39 -2.46 6.40
CA PHE A 102 -9.36 -3.47 5.98
C PHE A 102 -9.81 -4.32 7.14
N THR A 103 -8.92 -4.80 8.01
CA THR A 103 -9.43 -5.59 9.14
C THR A 103 -10.10 -4.66 10.15
N GLY A 104 -9.59 -3.43 10.26
CA GLY A 104 -10.11 -2.45 11.21
C GLY A 104 -11.52 -2.02 10.85
N ALA A 105 -11.91 -2.23 9.59
CA ALA A 105 -13.27 -1.95 9.15
C ALA A 105 -14.27 -2.99 9.63
N LYS A 106 -13.76 -4.13 10.11
CA LYS A 106 -14.65 -5.20 10.61
C LYS A 106 -15.05 -4.90 12.04
N GLU A 107 -16.17 -5.50 12.48
CA GLU A 107 -16.60 -5.22 13.86
C GLU A 107 -15.68 -5.82 14.89
N ASN A 108 -15.45 -5.10 15.99
CA ASN A 108 -14.66 -5.57 17.11
C ASN A 108 -13.18 -5.81 16.84
N PHE A 109 -12.58 -4.96 15.99
CA PHE A 109 -11.16 -4.99 15.71
C PHE A 109 -10.57 -3.62 15.99
N SER A 110 -9.80 -3.49 17.06
CA SER A 110 -9.27 -2.15 17.34
C SER A 110 -8.10 -1.86 16.40
N LEU A 111 -7.86 -0.57 16.17
CA LEU A 111 -6.72 -0.20 15.32
C LEU A 111 -5.43 -0.67 15.99
N ASP A 112 -5.34 -0.58 17.32
CA ASP A 112 -4.14 -1.01 18.02
C ASP A 112 -3.88 -2.49 17.75
N TRP A 113 -4.87 -3.35 17.95
CA TRP A 113 -4.66 -4.78 17.72
C TRP A 113 -4.21 -5.02 16.28
N CYS A 114 -4.89 -4.33 15.36
CA CYS A 114 -4.57 -4.53 13.94
C CYS A 114 -3.15 -4.11 13.60
N LYS A 115 -2.65 -3.04 14.23
CA LYS A 115 -1.30 -2.61 13.88
C LYS A 115 -0.20 -3.54 14.33
N GLN A 116 -0.36 -4.17 15.50
CA GLN A 116 0.73 -4.89 16.14
C GLN A 116 1.53 -5.88 15.32
N PRO A 117 0.92 -6.74 14.53
CA PRO A 117 1.69 -7.69 13.75
C PRO A 117 2.68 -7.00 12.82
N ASP A 118 2.34 -5.81 12.33
CA ASP A 118 3.22 -5.12 11.38
C ASP A 118 4.24 -4.21 12.07
N VAL A 119 4.17 -4.10 13.39
CA VAL A 119 5.16 -3.26 14.09
C VAL A 119 6.55 -3.80 13.84
N GLY A 120 7.46 -2.91 13.38
CA GLY A 120 8.79 -3.38 13.07
C GLY A 120 9.11 -3.58 11.60
N LEU A 121 8.10 -3.60 10.72
CA LEU A 121 8.42 -3.76 9.29
C LEU A 121 9.29 -2.60 8.82
N PRO A 122 9.93 -2.77 7.66
CA PRO A 122 10.65 -1.64 7.06
C PRO A 122 9.69 -0.46 6.95
N LYS A 123 10.11 0.71 7.40
CA LYS A 123 9.27 1.89 7.38
C LYS A 123 9.35 2.60 6.03
N PRO A 124 8.25 2.84 5.36
CA PRO A 124 8.29 3.56 4.11
C PRO A 124 8.88 4.97 4.31
N ASP A 125 9.63 5.37 3.30
CA ASP A 125 10.18 6.74 3.29
C ASP A 125 9.11 7.70 2.79
N LEU A 126 8.12 7.20 2.05
CA LEU A 126 7.07 8.02 1.48
C LEU A 126 5.78 7.17 1.38
N VAL A 127 4.70 7.70 1.92
CA VAL A 127 3.45 6.97 1.80
C VAL A 127 2.50 7.83 0.98
N LEU A 128 2.22 7.45 -0.26
CA LEU A 128 1.29 8.26 -1.05
C LEU A 128 -0.13 7.80 -0.79
N PHE A 129 -1.06 8.71 -0.55
CA PHE A 129 -2.46 8.28 -0.41
C PHE A 129 -3.26 8.88 -1.56
N LEU A 130 -3.74 8.02 -2.44
CA LEU A 130 -4.48 8.47 -3.63
C LEU A 130 -5.95 8.69 -3.28
N GLN A 131 -6.33 9.98 -3.18
CA GLN A 131 -7.69 10.36 -2.80
C GLN A 131 -8.61 10.54 -3.99
N LEU A 132 -9.83 10.05 -3.91
CA LEU A 132 -10.80 10.15 -5.00
C LEU A 132 -12.23 10.20 -4.46
N GLN A 133 -13.06 11.09 -4.98
CA GLN A 133 -14.46 11.16 -4.57
C GLN A 133 -15.19 9.98 -5.18
N LEU A 134 -16.18 9.45 -4.45
CA LEU A 134 -16.86 8.26 -4.96
C LEU A 134 -17.57 8.47 -6.28
N ALA A 135 -18.11 9.65 -6.56
CA ALA A 135 -18.76 9.86 -7.87
C ALA A 135 -17.73 9.60 -8.98
N ASP A 136 -16.51 10.10 -8.75
CA ASP A 136 -15.42 9.94 -9.70
C ASP A 136 -14.92 8.50 -9.77
N ALA A 137 -15.02 7.78 -8.66
CA ALA A 137 -14.56 6.39 -8.67
C ALA A 137 -15.56 5.52 -9.44
N ALA A 138 -16.83 5.69 -9.10
CA ALA A 138 -17.91 4.92 -9.71
C ALA A 138 -17.72 4.80 -11.21
N LYS A 139 -17.25 5.88 -11.82
CA LYS A 139 -17.01 5.91 -13.26
C LYS A 139 -15.84 5.02 -13.66
N ARG A 140 -15.18 4.40 -12.68
CA ARG A 140 -14.05 3.53 -12.97
C ARG A 140 -14.44 2.06 -12.81
N GLY A 141 -15.60 1.70 -13.34
CA GLY A 141 -16.07 0.32 -13.28
C GLY A 141 -17.14 0.09 -12.23
N ALA A 142 -17.39 -1.19 -11.94
CA ALA A 142 -18.40 -1.59 -10.97
C ALA A 142 -17.82 -2.56 -9.95
N PHE A 143 -18.46 -2.62 -8.78
CA PHE A 143 -18.00 -3.54 -7.74
C PHE A 143 -17.92 -4.95 -8.29
N GLY A 144 -16.79 -5.60 -8.03
CA GLY A 144 -16.55 -6.95 -8.50
C GLY A 144 -16.98 -8.03 -7.51
N HIS A 145 -16.50 -9.24 -7.77
CA HIS A 145 -16.83 -10.39 -6.95
C HIS A 145 -15.87 -10.59 -5.78
N GLU A 146 -14.71 -9.92 -5.76
CA GLU A 146 -13.79 -10.16 -4.64
C GLU A 146 -14.37 -9.61 -3.34
N ARG A 147 -13.82 -10.16 -2.25
CA ARG A 147 -14.24 -9.75 -0.91
C ARG A 147 -13.85 -8.27 -0.73
N TYR A 148 -14.59 -7.55 0.07
CA TYR A 148 -14.37 -6.19 0.46
C TYR A 148 -14.77 -5.18 -0.62
N GLU A 149 -15.16 -5.71 -1.77
CA GLU A 149 -15.56 -4.82 -2.86
C GLU A 149 -17.01 -4.37 -2.75
N ASN A 150 -17.31 -3.59 -1.73
CA ASN A 150 -18.64 -3.03 -1.53
C ASN A 150 -18.51 -1.69 -0.80
N GLY A 151 -19.41 -0.77 -1.16
CA GLY A 151 -19.41 0.56 -0.62
C GLY A 151 -19.33 0.77 0.87
N ALA A 152 -20.22 0.13 1.64
CA ALA A 152 -20.28 0.33 3.07
C ALA A 152 -18.96 -0.11 3.74
N PHE A 153 -18.43 -1.21 3.22
CA PHE A 153 -17.15 -1.68 3.82
C PHE A 153 -16.01 -0.75 3.43
N GLN A 154 -15.98 -0.30 2.19
CA GLN A 154 -14.93 0.65 1.75
C GLN A 154 -14.93 1.91 2.58
N GLU A 155 -16.13 2.39 2.97
CA GLU A 155 -16.24 3.61 3.75
C GLU A 155 -15.67 3.44 5.14
N ARG A 156 -15.87 2.24 5.73
CA ARG A 156 -15.28 1.98 7.05
C ARG A 156 -13.74 1.91 6.92
N ALA A 157 -13.31 1.29 5.81
CA ALA A 157 -11.83 1.23 5.66
C ALA A 157 -11.26 2.63 5.47
N LEU A 158 -11.99 3.48 4.71
CA LEU A 158 -11.48 4.85 4.54
C LEU A 158 -11.33 5.58 5.85
N ARG A 159 -12.29 5.43 6.79
CA ARG A 159 -12.19 6.08 8.09
C ARG A 159 -10.95 5.60 8.84
N CYS A 160 -10.66 4.30 8.68
CA CYS A 160 -9.46 3.76 9.34
C CYS A 160 -8.21 4.40 8.70
N PHE A 161 -8.19 4.49 7.37
CA PHE A 161 -7.04 5.15 6.72
C PHE A 161 -6.84 6.55 7.29
N HIS A 162 -7.93 7.33 7.48
CA HIS A 162 -7.79 8.67 8.03
C HIS A 162 -7.25 8.66 9.45
N GLN A 163 -7.57 7.64 10.24
CA GLN A 163 -6.98 7.55 11.58
C GLN A 163 -5.47 7.32 11.48
N LEU A 164 -5.03 6.50 10.53
CA LEU A 164 -3.61 6.20 10.37
C LEU A 164 -2.82 7.41 9.88
N MET A 165 -3.49 8.29 9.14
CA MET A 165 -2.81 9.46 8.60
C MET A 165 -2.51 10.50 9.67
N LYS A 166 -3.10 10.33 10.85
CA LYS A 166 -2.83 11.25 11.95
C LYS A 166 -1.42 10.99 12.47
N ASP A 167 -0.89 9.79 12.16
CA ASP A 167 0.43 9.43 12.64
C ASP A 167 1.54 10.25 11.98
N THR A 168 2.12 11.19 12.74
CA THR A 168 3.18 12.05 12.25
C THR A 168 4.53 11.38 12.13
N THR A 169 4.64 10.12 12.55
CA THR A 169 5.96 9.47 12.41
C THR A 169 6.16 9.13 10.92
N LEU A 170 5.07 9.21 10.13
CA LEU A 170 5.20 8.83 8.73
C LEU A 170 5.10 9.96 7.73
N ASN A 171 5.81 9.80 6.60
CA ASN A 171 5.82 10.83 5.56
C ASN A 171 4.65 10.62 4.59
N TRP A 172 3.45 10.99 5.01
CA TRP A 172 2.25 10.86 4.22
C TRP A 172 2.16 12.02 3.22
N LYS A 173 1.79 11.73 1.99
CA LYS A 173 1.54 12.76 0.99
C LYS A 173 0.21 12.42 0.30
N MET A 174 -0.70 13.39 0.30
CA MET A 174 -1.99 13.21 -0.32
C MET A 174 -1.83 13.48 -1.81
N VAL A 175 -2.43 12.64 -2.63
CA VAL A 175 -2.42 12.82 -4.07
C VAL A 175 -3.86 12.94 -4.56
N ASP A 176 -4.13 13.94 -5.39
CA ASP A 176 -5.46 14.12 -5.97
C ASP A 176 -5.59 13.17 -7.16
N ALA A 177 -6.14 11.98 -6.87
CA ALA A 177 -6.22 10.94 -7.91
C ALA A 177 -7.38 11.08 -8.89
N SER A 178 -8.09 12.22 -8.80
CA SER A 178 -9.21 12.46 -9.70
C SER A 178 -8.78 12.98 -11.07
N LYS A 179 -7.54 13.42 -11.21
CA LYS A 179 -7.03 13.91 -12.50
C LYS A 179 -6.73 12.76 -13.46
N SER A 180 -6.22 13.10 -14.64
CA SER A 180 -5.93 12.10 -15.65
C SER A 180 -4.84 11.15 -15.15
N ILE A 181 -4.77 9.99 -15.76
CA ILE A 181 -3.68 9.06 -15.38
C ILE A 181 -2.33 9.74 -15.50
N GLU A 182 -2.09 10.47 -16.59
CA GLU A 182 -0.82 11.14 -16.77
C GLU A 182 -0.61 12.27 -15.77
N ALA A 183 -1.65 13.03 -15.43
CA ALA A 183 -1.43 14.13 -14.48
C ALA A 183 -1.13 13.60 -13.09
N VAL A 184 -1.88 12.55 -12.69
CA VAL A 184 -1.65 11.94 -11.38
C VAL A 184 -0.23 11.37 -11.35
N HIS A 185 0.14 10.73 -12.46
CA HIS A 185 1.49 10.17 -12.58
C HIS A 185 2.56 11.23 -12.38
N GLU A 186 2.44 12.39 -13.01
CA GLU A 186 3.46 13.42 -12.85
C GLU A 186 3.55 13.88 -11.41
N ASP A 187 2.43 14.05 -10.71
CA ASP A 187 2.46 14.46 -9.32
C ASP A 187 3.21 13.44 -8.45
N ILE A 188 2.90 12.16 -8.68
CA ILE A 188 3.54 11.07 -7.94
C ILE A 188 5.04 10.99 -8.25
N ARG A 189 5.36 11.12 -9.52
CA ARG A 189 6.75 11.00 -9.97
C ARG A 189 7.64 12.07 -9.33
N VAL A 190 7.15 13.31 -9.32
CA VAL A 190 7.95 14.38 -8.70
C VAL A 190 8.15 14.17 -7.21
N LEU A 191 7.07 13.78 -6.53
CA LEU A 191 7.18 13.49 -5.09
C LEU A 191 8.19 12.37 -4.82
N SER A 192 8.17 11.34 -5.66
CA SER A 192 9.02 10.17 -5.57
C SER A 192 10.49 10.54 -5.83
N GLU A 193 10.78 11.31 -6.85
CA GLU A 193 12.17 11.73 -7.06
C GLU A 193 12.73 12.46 -5.84
N ASP A 194 11.90 13.29 -5.20
CA ASP A 194 12.40 14.01 -4.01
C ASP A 194 12.73 13.05 -2.89
N ALA A 195 11.81 12.09 -2.65
CA ALA A 195 12.02 11.12 -1.60
C ALA A 195 13.26 10.29 -1.83
N ILE A 196 13.52 9.90 -3.09
CA ILE A 196 14.67 9.06 -3.41
C ILE A 196 15.98 9.76 -3.04
N ALA A 197 16.00 11.05 -3.36
CA ALA A 197 17.22 11.84 -3.06
C ALA A 197 17.44 11.87 -1.55
N THR A 198 16.41 12.20 -0.77
CA THR A 198 16.62 12.21 0.69
C THR A 198 16.80 10.87 1.37
N ALA A 199 16.19 9.79 0.89
CA ALA A 199 16.35 8.50 1.55
C ALA A 199 17.80 8.08 1.67
N THR A 200 18.66 8.50 0.73
CA THR A 200 20.06 8.12 0.87
C THR A 200 20.67 8.76 2.12
N GLU A 201 19.95 9.68 2.77
CA GLU A 201 20.52 10.34 3.93
C GLU A 201 20.23 9.75 5.30
N LYS A 202 19.08 9.14 5.54
CA LYS A 202 18.83 8.57 6.87
C LYS A 202 18.63 7.07 6.72
N PRO A 203 18.97 6.29 7.74
CA PRO A 203 18.78 4.85 7.68
C PRO A 203 17.31 4.49 7.53
N LEU A 204 17.11 3.29 6.99
CA LEU A 204 15.74 2.75 6.88
C LEU A 204 15.17 2.63 8.28
N GLY A 205 13.98 3.14 8.51
CA GLY A 205 13.31 3.10 9.78
C GLY A 205 12.47 1.82 9.99
N GLU A 206 11.89 1.75 11.19
CA GLU A 206 11.02 0.63 11.56
C GLU A 206 9.62 1.18 11.77
N LEU A 207 8.64 0.50 11.17
CA LEU A 207 7.26 0.98 11.25
C LEU A 207 6.63 0.86 12.64
N TRP A 208 6.02 1.95 13.10
CA TRP A 208 5.22 1.94 14.32
C TRP A 208 5.98 1.57 15.59
N LYS A 209 7.27 1.91 15.59
CA LYS A 209 8.09 1.73 16.78
C LYS A 209 9.23 2.74 16.72
MG MG B . -4.96 -2.40 -7.60
MG MG C . 0.58 -2.21 22.96
N1 FDM D . -6.01 -6.01 2.00
N1 FDM D . -5.91 -6.40 1.80
C6 FDM D . -4.77 -5.82 1.45
C6 FDM D . -4.66 -6.07 1.34
C2 FDM D . -6.24 -6.39 3.34
C2 FDM D . -6.22 -6.79 3.12
O2 FDM D . -7.39 -6.57 3.78
O2 FDM D . -7.38 -7.08 3.45
N3 FDM D . -5.14 -6.56 4.08
N3 FDM D . -5.17 -6.80 3.95
C4 FDM D . -3.84 -6.37 3.61
C4 FDM D . -3.86 -6.46 3.58
O4 FDM D . -2.81 -6.57 4.42
O4 FDM D . -2.90 -6.51 4.49
C5 FDM D . -3.67 -5.97 2.20
C5 FDM D . -3.62 -6.07 2.18
C7 FDM D . -2.25 -5.79 1.71
C7 FDM D . -2.20 -5.72 1.79
O4' FDM D . -6.77 -7.22 0.14
O4' FDM D . -6.88 -7.18 -0.20
F FDM D . -9.44 -6.02 -0.95
F FDM D . -9.48 -5.35 -0.59
C1' FDM D . -7.07 -6.18 1.02
C1' FDM D . -6.96 -6.24 0.83
C2' FDM D . -7.56 -4.97 0.22
C2' FDM D . -7.19 -4.88 0.14
C3' FDM D . -8.11 -5.60 -1.04
C3' FDM D . -8.14 -5.28 -0.97
C4' FDM D . -7.19 -6.84 -1.19
C4' FDM D . -7.64 -6.70 -1.34
O5' FDM D . -6.82 -6.72 -3.56
O5' FDM D . -6.06 -5.91 -2.86
C5' FDM D . -6.11 -6.86 -2.32
C5' FDM D . -7.05 -6.96 -2.79
P1 FDM D . -5.78 -6.87 -4.85
P1 FDM D . -5.89 -5.07 -4.28
OP2 FDM D . -4.64 -7.78 -4.36
OP2 FDM D . -7.03 -4.01 -4.20
OP1 FDM D . -6.58 -7.47 -5.88
OP1 FDM D . -4.57 -4.46 -4.20
OP3 FDM D . -5.15 -5.49 -5.02
OP3 FDM D . -6.28 -5.92 -5.47
PB ADP E . -6.53 0.48 -7.80
O1B ADP E . -6.47 1.58 -6.81
O2B ADP E . -5.34 -0.43 -7.82
O3B ADP E . -7.84 -0.44 -7.61
PA ADP E . -6.39 0.58 -10.74
O1A ADP E . -6.62 -0.89 -10.85
O2A ADP E . -5.00 1.04 -11.09
O3A ADP E . -6.73 1.18 -9.26
O5' ADP E . -7.38 1.42 -11.62
C5' ADP E . -8.79 1.20 -11.53
C4' ADP E . -9.48 1.48 -12.86
O4' ADP E . -9.51 2.89 -13.03
C3' ADP E . -8.88 0.88 -14.12
O3' ADP E . -9.94 0.65 -15.04
C2' ADP E . -7.99 2.07 -14.59
O2' ADP E . -7.70 2.08 -15.94
C1' ADP E . -8.84 3.27 -14.20
N9 ADP E . -8.03 4.47 -13.87
C8 ADP E . -6.92 4.49 -13.05
N7 ADP E . -6.53 5.73 -12.79
C5 ADP E . -7.44 6.55 -13.48
C6 ADP E . -7.55 7.94 -13.59
N6 ADP E . -6.75 8.79 -13.03
N1 ADP E . -8.58 8.34 -14.36
C2 ADP E . -9.43 7.52 -14.97
N3 ADP E . -9.39 6.20 -14.91
C4 ADP E . -8.38 5.81 -14.15
PG ANP F . -8.00 -1.62 -6.39
O1G ANP F . -9.19 -2.40 -6.82
O2G ANP F . -6.73 -2.38 -6.53
O3G ANP F . -8.16 -0.90 -5.11
PB ANP F . -6.47 0.35 -8.08
O1B ANP F . -6.31 1.62 -7.35
O2B ANP F . -5.31 -0.53 -8.05
N3B ANP F . -7.88 -0.41 -7.56
PA ANP F . -6.24 0.82 -10.90
O1A ANP F . -5.02 1.58 -10.99
O2A ANP F . -6.22 -0.65 -11.29
O3A ANP F . -6.95 0.90 -9.48
O5' ANP F . -7.40 1.49 -11.81
C5' ANP F . -8.77 1.03 -11.73
C4' ANP F . -9.39 1.30 -13.11
O4' ANP F . -9.55 2.70 -13.22
C3' ANP F . -8.46 0.85 -14.23
O3' ANP F . -9.18 0.43 -15.44
C2' ANP F . -7.67 2.09 -14.55
O2' ANP F . -7.26 2.14 -15.95
C1' ANP F . -8.69 3.21 -14.24
N9 ANP F . -7.99 4.43 -13.77
C8 ANP F . -6.85 4.50 -13.00
N7 ANP F . -6.43 5.73 -12.82
C5 ANP F . -7.34 6.52 -13.50
C6 ANP F . -7.43 7.91 -13.67
N6 ANP F . -6.56 8.82 -13.16
N1 ANP F . -8.46 8.35 -14.40
C2 ANP F . -9.32 7.46 -14.92
N3 ANP F . -9.34 6.15 -14.82
C4 ANP F . -8.29 5.74 -14.09
#